data_1Q0U
#
_entry.id   1Q0U
#
_cell.length_a   113.463
_cell.length_b   113.463
_cell.length_c   65.338
_cell.angle_alpha   90.00
_cell.angle_beta   90.00
_cell.angle_gamma   120.00
#
_symmetry.space_group_name_H-M   'P 64'
#
loop_
_entity.id
_entity.type
_entity.pdbx_description
1 polymer BstDEAD
2 water water
#
_entity_poly.entity_id   1
_entity_poly.type   'polypeptide(L)'
_entity_poly.pdbx_seq_one_letter_code
;(MSE)AETQFTRFPFQPFIIEAIKTLRFYKPTEIQERIIPGALRGES(MSE)VGQSQTGTGKTHAYLLPI(MSE)EKIKP
ERAEVQAVITAPTRELATQIYHETLKITKFCPKDR(MSE)IVARCLIGGTDKQKALEKLNVQPHIVIGTPGRINDFIREQ
ALDVHTAHILVVDEADL(MSE)LD(MSE)GFITDVDQIAAR(MSE)PKDLQ(MSE)LVFSATIPEKLKPFLKKY(MSE)E
NPTFVHVLEHHHHHH
;
_entity_poly.pdbx_strand_id   A,B
#
# COMPACT_ATOMS: atom_id res chain seq x y z
N THR A 4 -45.31 -7.56 -3.69
CA THR A 4 -44.45 -6.36 -3.67
C THR A 4 -45.18 -5.03 -3.84
N GLN A 5 -44.86 -4.02 -3.03
CA GLN A 5 -45.51 -2.71 -3.15
C GLN A 5 -44.77 -1.70 -4.05
N PHE A 6 -43.62 -2.11 -4.57
CA PHE A 6 -42.87 -1.22 -5.44
C PHE A 6 -43.62 -0.90 -6.70
N THR A 7 -44.77 -1.57 -6.88
CA THR A 7 -45.62 -1.33 -8.03
C THR A 7 -46.16 0.10 -8.04
N ARG A 8 -45.94 0.74 -6.90
CA ARG A 8 -46.37 2.11 -6.78
C ARG A 8 -45.52 2.96 -7.70
N PHE A 9 -44.35 2.44 -8.04
CA PHE A 9 -43.45 3.12 -8.94
C PHE A 9 -43.60 2.49 -10.30
N PRO A 10 -43.53 3.31 -11.32
CA PRO A 10 -43.72 2.82 -12.65
C PRO A 10 -42.45 2.26 -13.22
N PHE A 11 -42.01 1.16 -12.63
CA PHE A 11 -40.81 0.51 -13.08
C PHE A 11 -41.09 -0.53 -14.14
N GLN A 12 -40.09 -0.85 -14.98
CA GLN A 12 -40.18 -1.90 -16.00
C GLN A 12 -40.26 -3.21 -15.29
N PRO A 13 -40.89 -4.16 -15.97
CA PRO A 13 -41.09 -5.45 -15.38
C PRO A 13 -39.82 -6.10 -14.86
N PHE A 14 -38.76 -6.00 -15.63
CA PHE A 14 -37.56 -6.65 -15.14
C PHE A 14 -37.09 -6.12 -13.80
N ILE A 15 -37.34 -4.85 -13.58
CA ILE A 15 -36.94 -4.21 -12.34
C ILE A 15 -37.83 -4.69 -11.22
N ILE A 16 -39.11 -4.86 -11.53
CA ILE A 16 -40.00 -5.33 -10.52
C ILE A 16 -39.57 -6.72 -10.09
N GLU A 17 -39.16 -7.50 -11.06
CA GLU A 17 -38.68 -8.84 -10.77
C GLU A 17 -37.41 -8.90 -9.91
N ALA A 18 -36.48 -7.97 -10.18
CA ALA A 18 -35.24 -7.83 -9.44
C ALA A 18 -35.61 -7.50 -8.01
N ILE A 19 -36.54 -6.57 -7.87
CA ILE A 19 -37.01 -6.13 -6.56
C ILE A 19 -37.57 -7.29 -5.76
N LYS A 20 -38.42 -8.06 -6.41
CA LYS A 20 -38.96 -9.21 -5.70
C LYS A 20 -37.83 -10.12 -5.29
N THR A 21 -36.88 -10.31 -6.20
CA THR A 21 -35.77 -11.19 -5.88
C THR A 21 -34.89 -10.65 -4.75
N LEU A 22 -34.87 -9.33 -4.59
CA LEU A 22 -34.11 -8.75 -3.51
C LEU A 22 -34.86 -8.94 -2.21
N ARG A 23 -36.04 -9.50 -2.32
CA ARG A 23 -36.89 -9.78 -1.14
C ARG A 23 -37.43 -8.49 -0.55
N PHE A 24 -37.63 -7.51 -1.42
CA PHE A 24 -38.14 -6.20 -1.02
C PHE A 24 -39.66 -6.17 -1.18
N TYR A 25 -40.40 -6.10 -0.10
CA TYR A 25 -41.86 -6.06 -0.17
C TYR A 25 -42.45 -4.63 -0.16
N LYS A 26 -41.98 -3.81 0.77
CA LYS A 26 -42.50 -2.46 0.90
C LYS A 26 -41.36 -1.48 0.92
N PRO A 27 -41.49 -0.45 0.07
CA PRO A 27 -40.49 0.59 -0.05
C PRO A 27 -40.17 1.29 1.27
N THR A 28 -38.90 1.53 1.51
CA THR A 28 -38.61 2.22 2.75
C THR A 28 -38.84 3.71 2.59
N GLU A 29 -38.73 4.42 3.73
CA GLU A 29 -38.94 5.87 3.76
C GLU A 29 -38.06 6.57 2.76
N ILE A 30 -36.73 6.33 2.85
CA ILE A 30 -35.80 6.96 1.92
C ILE A 30 -36.25 6.61 0.52
N GLN A 31 -36.62 5.35 0.32
CA GLN A 31 -37.06 4.98 -1.01
C GLN A 31 -38.26 5.81 -1.44
N GLU A 32 -39.31 5.71 -0.61
CA GLU A 32 -40.58 6.39 -0.85
C GLU A 32 -40.44 7.85 -1.22
N ARG A 33 -39.51 8.52 -0.58
CA ARG A 33 -39.34 9.91 -0.84
C ARG A 33 -38.38 10.25 -1.92
N ILE A 34 -37.60 9.29 -2.36
CA ILE A 34 -36.62 9.61 -3.38
C ILE A 34 -36.98 9.17 -4.79
N ILE A 35 -37.55 8.01 -4.89
CA ILE A 35 -37.84 7.39 -6.16
C ILE A 35 -38.64 8.21 -7.18
N PRO A 36 -39.80 8.70 -6.76
CA PRO A 36 -40.62 9.47 -7.67
C PRO A 36 -39.90 10.70 -8.20
N GLY A 37 -39.22 11.37 -7.28
CA GLY A 37 -38.49 12.54 -7.65
C GLY A 37 -37.40 12.18 -8.61
N ALA A 38 -36.62 11.15 -8.25
CA ALA A 38 -35.51 10.74 -9.10
C ALA A 38 -35.99 10.45 -10.52
N LEU A 39 -37.12 9.73 -10.60
CA LEU A 39 -37.72 9.38 -11.89
C LEU A 39 -38.08 10.61 -12.72
N ARG A 40 -38.46 11.70 -12.04
CA ARG A 40 -38.80 12.97 -12.67
C ARG A 40 -37.55 13.68 -13.12
N GLY A 41 -36.37 13.26 -12.67
CA GLY A 41 -35.14 13.95 -13.09
C GLY A 41 -34.68 15.06 -12.14
N GLU A 42 -35.25 15.11 -10.93
CA GLU A 42 -34.83 16.13 -10.00
C GLU A 42 -33.55 15.80 -9.32
N SER A 43 -32.78 16.86 -9.06
CA SER A 43 -31.53 16.78 -8.32
C SER A 43 -32.03 16.76 -6.90
N VAL A 45 -31.06 15.87 -2.48
CA VAL A 45 -30.09 15.65 -1.43
C VAL A 45 -30.81 14.88 -0.38
N GLY A 46 -30.37 13.64 -0.15
CA GLY A 46 -31.06 12.83 0.82
C GLY A 46 -30.23 12.62 2.08
N GLN A 47 -30.78 12.99 3.24
CA GLN A 47 -30.03 12.77 4.47
C GLN A 47 -30.48 11.46 5.03
N SER A 48 -29.57 10.50 5.06
CA SER A 48 -29.90 9.17 5.52
C SER A 48 -28.70 8.36 5.97
N GLN A 49 -28.98 7.38 6.82
CA GLN A 49 -27.92 6.50 7.26
C GLN A 49 -27.57 5.60 6.07
N THR A 50 -26.34 5.10 6.02
CA THR A 50 -25.90 4.21 4.97
C THR A 50 -26.83 2.98 4.93
N GLY A 51 -26.89 2.24 3.81
CA GLY A 51 -27.79 1.09 3.80
C GLY A 51 -28.28 0.75 2.42
N THR A 52 -28.44 -0.53 2.17
CA THR A 52 -28.88 -0.91 0.83
C THR A 52 -30.24 -0.35 0.48
N GLY A 53 -31.04 -0.06 1.50
CA GLY A 53 -32.36 0.53 1.27
C GLY A 53 -32.11 1.89 0.60
N LYS A 54 -31.17 2.63 1.16
CA LYS A 54 -30.85 3.90 0.57
C LYS A 54 -30.17 3.72 -0.80
N THR A 55 -29.31 2.68 -0.89
CA THR A 55 -28.62 2.43 -2.14
C THR A 55 -29.63 2.26 -3.26
N HIS A 56 -30.63 1.47 -2.95
CA HIS A 56 -31.70 1.20 -3.88
C HIS A 56 -32.56 2.39 -4.23
N ALA A 57 -32.55 3.36 -3.34
CA ALA A 57 -33.33 4.59 -3.57
C ALA A 57 -32.77 5.25 -4.81
N TYR A 58 -31.46 5.08 -5.01
CA TYR A 58 -30.96 5.66 -6.20
C TYR A 58 -30.78 4.66 -7.31
N LEU A 59 -30.36 3.42 -7.00
CA LEU A 59 -30.15 2.50 -8.11
C LEU A 59 -31.37 2.15 -8.93
N LEU A 60 -32.49 1.94 -8.25
CA LEU A 60 -33.70 1.51 -8.94
C LEU A 60 -34.20 2.47 -9.99
N PRO A 61 -34.28 3.75 -9.61
CA PRO A 61 -34.72 4.74 -10.56
C PRO A 61 -33.65 4.92 -11.61
N ILE A 62 -32.37 4.74 -11.24
CA ILE A 62 -31.33 4.92 -12.26
C ILE A 62 -31.43 3.81 -13.30
N GLU A 64 -34.06 2.24 -14.17
CA GLU A 64 -35.28 2.53 -14.94
C GLU A 64 -35.02 3.44 -16.12
N LYS A 65 -34.03 4.29 -16.03
CA LYS A 65 -33.79 5.24 -17.09
C LYS A 65 -32.66 4.92 -18.04
N ILE A 66 -31.90 3.88 -17.78
CA ILE A 66 -30.81 3.63 -18.70
C ILE A 66 -31.42 3.34 -20.05
N LYS A 67 -30.66 3.58 -21.10
CA LYS A 67 -31.11 3.31 -22.46
C LYS A 67 -30.15 2.29 -22.94
N PRO A 68 -30.53 1.03 -22.76
CA PRO A 68 -29.64 -0.03 -23.08
C PRO A 68 -28.99 0.00 -24.45
N GLU A 69 -29.74 0.50 -25.45
CA GLU A 69 -29.28 0.56 -26.85
C GLU A 69 -27.98 1.31 -26.99
N ARG A 70 -27.95 2.43 -26.30
CA ARG A 70 -26.83 3.36 -26.27
C ARG A 70 -25.71 2.91 -25.36
N ALA A 71 -24.62 2.52 -25.98
CA ALA A 71 -23.44 2.07 -25.27
C ALA A 71 -22.52 3.22 -24.87
N GLU A 72 -23.04 3.99 -23.95
CA GLU A 72 -22.36 5.15 -23.42
C GLU A 72 -22.63 5.24 -21.93
N VAL A 73 -21.78 5.92 -21.18
CA VAL A 73 -22.01 6.08 -19.76
C VAL A 73 -23.22 6.92 -19.56
N GLN A 74 -24.18 6.43 -18.81
CA GLN A 74 -25.37 7.21 -18.61
C GLN A 74 -25.52 7.63 -17.16
N ALA A 75 -24.82 6.92 -16.27
CA ALA A 75 -24.81 7.15 -14.84
C ALA A 75 -23.42 6.91 -14.20
N VAL A 76 -23.02 7.85 -13.31
CA VAL A 76 -21.74 7.82 -12.61
C VAL A 76 -22.07 7.90 -11.16
N ILE A 77 -21.57 6.90 -10.42
CA ILE A 77 -21.86 6.80 -9.00
C ILE A 77 -20.54 6.78 -8.25
N THR A 78 -20.44 7.67 -7.29
CA THR A 78 -19.22 7.77 -6.51
C THR A 78 -19.44 7.51 -5.03
N ALA A 79 -18.42 6.93 -4.44
CA ALA A 79 -18.43 6.61 -3.01
C ALA A 79 -17.03 6.82 -2.49
N PRO A 80 -16.84 7.08 -1.18
CA PRO A 80 -15.51 7.41 -0.64
C PRO A 80 -14.48 6.32 -0.51
N THR A 81 -14.95 5.07 -0.38
CA THR A 81 -14.03 3.97 -0.23
C THR A 81 -14.31 2.88 -1.22
N ARG A 82 -13.29 2.05 -1.38
CA ARG A 82 -13.38 0.91 -2.28
C ARG A 82 -14.50 -0.02 -1.83
N GLU A 83 -14.53 -0.24 -0.54
CA GLU A 83 -15.52 -1.13 0.00
C GLU A 83 -16.96 -0.65 -0.24
N LEU A 84 -17.18 0.67 -0.05
CA LEU A 84 -18.52 1.21 -0.26
C LEU A 84 -18.94 1.11 -1.72
N ALA A 85 -17.96 1.34 -2.56
CA ALA A 85 -18.19 1.25 -3.98
C ALA A 85 -18.50 -0.17 -4.37
N THR A 86 -17.80 -1.11 -3.78
CA THR A 86 -17.98 -2.50 -4.14
C THR A 86 -19.35 -2.92 -3.78
N GLN A 87 -19.80 -2.43 -2.66
CA GLN A 87 -21.15 -2.85 -2.27
C GLN A 87 -22.25 -2.32 -3.19
N ILE A 88 -22.07 -1.10 -3.64
CA ILE A 88 -23.06 -0.59 -4.56
C ILE A 88 -23.06 -1.40 -5.85
N TYR A 89 -21.86 -1.84 -6.25
CA TYR A 89 -21.73 -2.63 -7.49
C TYR A 89 -22.45 -3.95 -7.28
N HIS A 90 -22.33 -4.50 -6.08
CA HIS A 90 -23.05 -5.76 -5.80
C HIS A 90 -24.55 -5.57 -5.99
N GLU A 91 -25.07 -4.50 -5.39
CA GLU A 91 -26.49 -4.21 -5.49
C GLU A 91 -26.89 -4.02 -6.95
N THR A 92 -26.05 -3.34 -7.72
CA THR A 92 -26.36 -3.13 -9.15
C THR A 92 -26.49 -4.43 -9.96
N LEU A 93 -25.57 -5.36 -9.72
CA LEU A 93 -25.60 -6.61 -10.43
C LEU A 93 -26.82 -7.44 -10.16
N LYS A 94 -27.37 -7.34 -8.96
CA LYS A 94 -28.60 -8.07 -8.61
C LYS A 94 -29.78 -7.47 -9.37
N ILE A 95 -29.64 -6.26 -9.87
CA ILE A 95 -30.69 -5.73 -10.67
C ILE A 95 -30.41 -6.08 -12.14
N THR A 96 -29.20 -5.77 -12.62
CA THR A 96 -28.86 -6.04 -14.02
C THR A 96 -28.98 -7.48 -14.46
N LYS A 97 -28.83 -8.44 -13.57
CA LYS A 97 -28.92 -9.83 -13.99
C LYS A 97 -30.27 -10.14 -14.54
N PHE A 98 -31.24 -9.24 -14.24
CA PHE A 98 -32.61 -9.41 -14.67
C PHE A 98 -32.90 -8.71 -16.00
N CYS A 99 -31.96 -7.96 -16.56
CA CYS A 99 -32.26 -7.30 -17.84
C CYS A 99 -32.60 -8.31 -18.92
N PRO A 100 -33.51 -7.93 -19.81
CA PRO A 100 -33.81 -8.81 -20.91
C PRO A 100 -32.51 -8.93 -21.68
N LYS A 101 -32.30 -10.13 -22.23
CA LYS A 101 -31.09 -10.42 -22.99
C LYS A 101 -30.69 -9.41 -24.05
N ASP A 102 -31.62 -8.80 -24.80
CA ASP A 102 -31.21 -7.85 -25.85
C ASP A 102 -31.19 -6.47 -25.30
N ARG A 103 -31.32 -6.35 -23.98
CA ARG A 103 -31.32 -5.00 -23.42
C ARG A 103 -30.48 -4.96 -22.14
N ILE A 105 -27.73 -4.12 -19.38
CA ILE A 105 -27.15 -2.92 -18.81
C ILE A 105 -25.82 -3.37 -18.27
N VAL A 106 -24.79 -2.64 -18.61
CA VAL A 106 -23.49 -3.06 -18.17
C VAL A 106 -23.00 -2.09 -17.12
N ALA A 107 -22.45 -2.63 -16.04
CA ALA A 107 -21.90 -1.81 -14.98
C ALA A 107 -20.45 -2.23 -14.66
N ARG A 108 -19.59 -1.23 -14.40
CA ARG A 108 -18.22 -1.49 -14.00
C ARG A 108 -17.91 -0.72 -12.73
N CYS A 109 -17.09 -1.32 -11.88
CA CYS A 109 -16.68 -0.74 -10.60
C CYS A 109 -15.20 -0.43 -10.65
N LEU A 110 -14.85 0.87 -10.60
CA LEU A 110 -13.45 1.32 -10.67
C LEU A 110 -12.96 1.78 -9.30
N ILE A 111 -12.12 0.96 -8.69
CA ILE A 111 -11.68 1.30 -7.34
C ILE A 111 -10.18 1.17 -7.20
N GLY A 112 -9.51 0.67 -8.22
CA GLY A 112 -8.07 0.53 -8.10
C GLY A 112 -7.57 -0.40 -6.98
N GLY A 113 -6.48 -0.02 -6.35
CA GLY A 113 -6.01 -0.95 -5.32
C GLY A 113 -4.52 -1.03 -5.47
N THR A 114 -3.92 -2.22 -5.44
CA THR A 114 -2.49 -2.25 -5.62
C THR A 114 -2.15 -1.91 -7.05
N ASP A 115 -0.87 -1.77 -7.37
CA ASP A 115 -0.58 -1.43 -8.74
C ASP A 115 -0.91 -2.65 -9.60
N LYS A 116 -0.69 -3.82 -9.07
CA LYS A 116 -1.02 -4.98 -9.90
C LYS A 116 -2.53 -5.05 -10.11
N GLN A 117 -3.26 -4.57 -9.14
CA GLN A 117 -4.68 -4.61 -9.27
C GLN A 117 -5.16 -3.59 -10.26
N LYS A 118 -4.55 -2.42 -10.16
CA LYS A 118 -4.91 -1.29 -11.00
C LYS A 118 -4.73 -1.60 -12.46
N ALA A 119 -3.72 -2.39 -12.72
CA ALA A 119 -3.35 -2.68 -14.07
C ALA A 119 -4.25 -3.70 -14.69
N LEU A 120 -5.03 -4.32 -13.83
CA LEU A 120 -5.96 -5.31 -14.32
C LEU A 120 -7.31 -4.64 -14.61
N GLU A 121 -7.50 -3.44 -14.11
CA GLU A 121 -8.74 -2.71 -14.27
C GLU A 121 -8.68 -1.99 -15.58
N LYS A 122 -9.52 -2.39 -16.51
CA LYS A 122 -9.54 -1.76 -17.81
C LYS A 122 -10.96 -1.65 -18.32
N LEU A 123 -11.15 -0.70 -19.22
CA LEU A 123 -12.45 -0.51 -19.81
C LEU A 123 -12.46 -0.90 -21.29
N ASN A 124 -13.14 -1.98 -21.61
CA ASN A 124 -13.30 -2.43 -22.96
C ASN A 124 -14.29 -1.45 -23.55
N VAL A 125 -15.53 -1.54 -23.07
CA VAL A 125 -16.58 -0.64 -23.51
C VAL A 125 -16.83 0.45 -22.52
N GLN A 126 -17.68 1.40 -22.95
CA GLN A 126 -18.15 2.51 -22.11
C GLN A 126 -19.41 1.97 -21.41
N PRO A 127 -19.26 1.46 -20.18
CA PRO A 127 -20.38 0.89 -19.42
C PRO A 127 -21.55 1.82 -19.25
N HIS A 128 -22.73 1.28 -19.19
CA HIS A 128 -23.80 2.23 -18.99
C HIS A 128 -23.68 2.89 -17.60
N ILE A 129 -23.17 2.14 -16.64
CA ILE A 129 -23.03 2.66 -15.29
C ILE A 129 -21.65 2.50 -14.78
N VAL A 130 -21.14 3.60 -14.27
CA VAL A 130 -19.80 3.59 -13.75
C VAL A 130 -19.86 3.86 -12.26
N ILE A 131 -19.28 2.91 -11.51
CA ILE A 131 -19.27 3.03 -10.05
C ILE A 131 -17.83 3.08 -9.59
N GLY A 132 -17.52 3.85 -8.55
CA GLY A 132 -16.11 3.86 -8.14
C GLY A 132 -15.77 4.97 -7.17
N THR A 133 -14.53 5.06 -6.73
CA THR A 133 -14.19 6.15 -5.85
C THR A 133 -13.91 7.30 -6.81
N PRO A 134 -14.01 8.56 -6.37
CA PRO A 134 -13.79 9.69 -7.28
C PRO A 134 -12.41 9.79 -7.87
N GLY A 135 -11.38 9.51 -7.10
CA GLY A 135 -10.06 9.60 -7.69
C GLY A 135 -9.86 8.49 -8.72
N ARG A 136 -10.45 7.35 -8.49
CA ARG A 136 -10.17 6.33 -9.45
C ARG A 136 -10.86 6.65 -10.75
N ILE A 137 -12.10 7.13 -10.62
CA ILE A 137 -12.88 7.52 -11.79
C ILE A 137 -12.12 8.63 -12.55
N ASN A 138 -11.46 9.52 -11.81
CA ASN A 138 -10.67 10.64 -12.39
C ASN A 138 -9.46 10.10 -13.10
N ASP A 139 -8.95 9.02 -12.56
CA ASP A 139 -7.85 8.48 -13.27
C ASP A 139 -8.26 8.07 -14.69
N PHE A 140 -9.47 7.48 -14.84
CA PHE A 140 -9.93 6.99 -16.15
C PHE A 140 -10.24 8.14 -17.08
N ILE A 141 -10.78 9.18 -16.51
CA ILE A 141 -11.03 10.32 -17.32
C ILE A 141 -9.68 10.82 -17.80
N ARG A 142 -8.80 11.04 -16.85
CA ARG A 142 -7.49 11.55 -17.17
C ARG A 142 -6.77 10.76 -18.22
N GLU A 143 -6.87 9.46 -18.13
CA GLU A 143 -6.21 8.61 -19.11
C GLU A 143 -6.95 8.51 -20.45
N GLN A 144 -7.96 9.36 -20.68
CA GLN A 144 -8.78 9.42 -21.90
C GLN A 144 -9.59 8.13 -22.20
N ALA A 145 -9.86 7.36 -21.16
CA ALA A 145 -10.56 6.09 -21.37
C ALA A 145 -12.01 6.16 -21.02
N LEU A 146 -12.39 7.25 -20.43
CA LEU A 146 -13.76 7.29 -20.05
C LEU A 146 -14.37 8.62 -20.35
N ASP A 147 -15.56 8.55 -20.92
CA ASP A 147 -16.29 9.76 -21.30
C ASP A 147 -17.54 9.90 -20.44
N VAL A 148 -17.51 10.77 -19.45
CA VAL A 148 -18.70 10.94 -18.63
C VAL A 148 -19.57 11.99 -19.18
N HIS A 149 -19.12 12.57 -20.32
CA HIS A 149 -19.92 13.63 -20.93
C HIS A 149 -21.26 13.19 -21.44
N THR A 150 -21.40 11.89 -21.71
CA THR A 150 -22.64 11.29 -22.20
C THR A 150 -23.61 10.97 -21.07
N ALA A 151 -23.13 11.02 -19.82
CA ALA A 151 -23.95 10.69 -18.66
C ALA A 151 -24.65 11.88 -18.06
N HIS A 152 -25.94 11.73 -17.82
CA HIS A 152 -26.68 12.82 -17.22
C HIS A 152 -27.09 12.60 -15.79
N ILE A 153 -26.51 11.59 -15.13
CA ILE A 153 -26.83 11.31 -13.73
C ILE A 153 -25.55 11.17 -12.94
N LEU A 154 -25.49 11.87 -11.80
CA LEU A 154 -24.32 11.78 -10.95
C LEU A 154 -24.81 11.53 -9.57
N VAL A 155 -24.24 10.50 -8.94
CA VAL A 155 -24.62 10.19 -7.57
C VAL A 155 -23.39 10.38 -6.72
N VAL A 156 -23.53 11.08 -5.57
CA VAL A 156 -22.41 11.29 -4.63
C VAL A 156 -22.89 10.64 -3.34
N ASP A 157 -22.39 9.43 -3.04
CA ASP A 157 -22.89 8.73 -1.88
C ASP A 157 -22.01 8.93 -0.69
N GLU A 158 -22.59 8.90 0.52
CA GLU A 158 -21.78 9.11 1.73
C GLU A 158 -20.98 10.38 1.59
N ALA A 159 -21.65 11.43 1.13
CA ALA A 159 -21.04 12.72 0.85
C ALA A 159 -20.16 13.32 1.98
N ASP A 160 -20.67 13.28 3.22
CA ASP A 160 -19.94 13.81 4.37
C ASP A 160 -18.58 13.15 4.55
N LEU A 161 -18.56 11.82 4.48
CA LEU A 161 -17.33 11.10 4.61
C LEU A 161 -16.37 11.42 3.46
N LEU A 163 -16.11 14.16 1.83
CA LEU A 163 -15.55 15.46 2.16
C LEU A 163 -14.39 15.26 3.10
N ASP A 164 -14.67 14.51 4.15
CA ASP A 164 -13.67 14.21 5.15
C ASP A 164 -12.41 13.56 4.63
N GLY A 166 -11.00 14.11 1.91
CA GLY A 166 -10.40 15.01 0.94
C GLY A 166 -10.71 14.71 -0.53
N PHE A 167 -11.85 14.08 -0.79
CA PHE A 167 -12.24 13.73 -2.15
C PHE A 167 -13.25 14.62 -2.81
N ILE A 168 -13.72 15.63 -2.12
CA ILE A 168 -14.68 16.45 -2.82
C ILE A 168 -14.12 17.16 -4.03
N THR A 169 -12.81 17.40 -4.07
CA THR A 169 -12.25 18.05 -5.25
C THR A 169 -12.30 17.15 -6.50
N ASP A 170 -12.16 15.86 -6.25
CA ASP A 170 -12.17 14.82 -7.28
C ASP A 170 -13.57 14.73 -7.88
N VAL A 171 -14.54 14.77 -6.99
CA VAL A 171 -15.93 14.71 -7.40
C VAL A 171 -16.38 15.91 -8.21
N ASP A 172 -15.93 17.06 -7.77
CA ASP A 172 -16.26 18.31 -8.42
C ASP A 172 -15.78 18.21 -9.87
N GLN A 173 -14.53 17.77 -10.00
CA GLN A 173 -13.89 17.60 -11.27
C GLN A 173 -14.73 16.74 -12.19
N ILE A 174 -15.13 15.60 -11.66
CA ILE A 174 -15.95 14.71 -12.44
C ILE A 174 -17.23 15.43 -12.79
N ALA A 175 -17.93 15.98 -11.81
CA ALA A 175 -19.20 16.60 -12.17
C ALA A 175 -18.99 17.70 -13.19
N ALA A 176 -17.80 18.28 -13.12
CA ALA A 176 -17.41 19.39 -13.99
C ALA A 176 -17.55 19.05 -15.45
N ARG A 177 -17.00 17.87 -15.76
CA ARG A 177 -16.97 17.28 -17.10
C ARG A 177 -18.32 16.72 -17.62
N PRO A 179 -22.62 17.01 -18.47
CA PRO A 179 -23.53 18.04 -18.96
C PRO A 179 -24.02 19.03 -17.95
N LYS A 180 -24.18 20.27 -18.42
CA LYS A 180 -24.66 21.36 -17.58
C LYS A 180 -26.00 21.02 -16.97
N ASP A 181 -26.83 20.36 -17.76
CA ASP A 181 -28.14 19.96 -17.30
C ASP A 181 -28.11 18.67 -16.47
N LEU A 182 -27.08 18.51 -15.67
CA LEU A 182 -26.86 17.32 -14.88
C LEU A 182 -27.85 17.05 -13.76
N GLN A 183 -28.28 15.79 -13.64
CA GLN A 183 -29.16 15.39 -12.55
C GLN A 183 -28.23 14.87 -11.45
N LEU A 185 -27.58 13.45 -7.57
CA LEU A 185 -28.17 12.87 -6.39
C LEU A 185 -27.11 12.71 -5.30
N VAL A 186 -27.36 13.38 -4.19
CA VAL A 186 -26.39 13.32 -3.13
C VAL A 186 -27.00 12.73 -1.90
N PHE A 187 -26.24 11.79 -1.32
CA PHE A 187 -26.63 11.15 -0.09
C PHE A 187 -25.56 11.27 0.95
N SER A 188 -25.99 11.71 2.13
CA SER A 188 -25.10 11.93 3.24
C SER A 188 -25.79 11.88 4.60
N ALA A 189 -25.14 11.20 5.55
CA ALA A 189 -25.71 11.13 6.88
C ALA A 189 -25.89 12.53 7.37
N THR A 190 -24.88 13.37 7.11
CA THR A 190 -24.87 14.76 7.55
C THR A 190 -24.54 15.78 6.45
N ILE A 191 -24.70 17.08 6.75
CA ILE A 191 -24.40 18.15 5.80
C ILE A 191 -23.36 19.16 6.30
N PRO A 192 -22.10 18.76 6.29
CA PRO A 192 -21.07 19.70 6.73
C PRO A 192 -21.14 21.05 6.03
N GLU A 193 -20.57 22.03 6.73
CA GLU A 193 -20.51 23.37 6.24
C GLU A 193 -19.63 23.43 5.01
N LYS A 194 -18.47 22.80 5.08
CA LYS A 194 -17.59 22.80 3.95
C LYS A 194 -18.16 22.03 2.75
N LEU A 195 -19.39 21.53 2.86
CA LEU A 195 -20.05 20.76 1.82
C LEU A 195 -21.09 21.56 0.98
N LYS A 196 -21.68 22.56 1.60
CA LYS A 196 -22.70 23.36 0.95
C LYS A 196 -22.36 23.99 -0.40
N PRO A 197 -21.14 24.47 -0.54
CA PRO A 197 -20.76 25.09 -1.79
C PRO A 197 -20.84 24.13 -2.99
N PHE A 198 -20.35 22.89 -2.82
CA PHE A 198 -20.37 21.86 -3.86
C PHE A 198 -21.79 21.65 -4.31
N LEU A 199 -22.67 21.71 -3.32
CA LEU A 199 -24.08 21.53 -3.59
C LEU A 199 -24.75 22.68 -4.31
N LYS A 200 -24.43 23.90 -3.83
CA LYS A 200 -25.01 25.10 -4.39
C LYS A 200 -24.50 25.29 -5.80
N LYS A 201 -23.26 24.88 -5.99
CA LYS A 201 -22.63 24.96 -7.28
C LYS A 201 -23.36 24.15 -8.34
N TYR A 202 -23.59 22.89 -8.07
CA TYR A 202 -24.19 22.10 -9.11
C TYR A 202 -25.67 21.92 -9.03
N GLU A 204 -29.52 23.66 -8.35
CA GLU A 204 -30.38 24.82 -8.17
C GLU A 204 -31.83 24.36 -7.96
N ASN A 205 -32.33 24.51 -6.76
CA ASN A 205 -33.70 24.09 -6.48
C ASN A 205 -33.78 22.58 -6.34
N PRO A 206 -32.78 22.05 -5.65
CA PRO A 206 -32.78 20.61 -5.47
C PRO A 206 -33.74 20.22 -4.38
N THR A 207 -34.31 19.05 -4.52
CA THR A 207 -35.25 18.53 -3.54
C THR A 207 -34.45 17.94 -2.40
N PHE A 208 -34.85 18.25 -1.17
CA PHE A 208 -34.17 17.78 0.03
C PHE A 208 -35.01 16.76 0.76
N VAL A 209 -34.37 15.71 1.22
CA VAL A 209 -35.04 14.66 1.96
C VAL A 209 -34.23 14.41 3.21
N HIS A 210 -34.93 14.16 4.30
CA HIS A 210 -34.34 13.85 5.58
C HIS A 210 -35.17 12.75 6.20
N VAL A 211 -34.56 11.69 6.74
CA VAL A 211 -35.38 10.63 7.32
C VAL A 211 -35.60 10.69 8.84
N LEU A 212 -34.69 11.32 9.58
CA LEU A 212 -34.89 11.38 11.02
C LEU A 212 -34.80 9.99 11.62
N ALA B 2 45.21 15.40 11.75
CA ALA B 2 44.14 14.53 12.15
C ALA B 2 44.28 13.13 11.58
N GLU B 3 44.45 12.20 12.52
CA GLU B 3 44.58 10.77 12.32
C GLU B 3 43.34 10.14 12.98
N THR B 4 43.18 8.82 13.00
CA THR B 4 41.96 8.37 13.64
C THR B 4 42.24 7.22 14.54
N GLN B 5 41.66 7.24 15.72
CA GLN B 5 41.89 6.15 16.64
C GLN B 5 41.47 4.83 16.09
N PHE B 6 40.73 4.89 14.97
CA PHE B 6 40.29 3.65 14.41
C PHE B 6 41.42 2.77 13.91
N THR B 7 42.58 3.43 13.83
CA THR B 7 43.84 2.80 13.42
C THR B 7 44.13 1.68 14.37
N ARG B 8 43.57 1.84 15.55
CA ARG B 8 43.69 0.83 16.55
C ARG B 8 43.20 -0.50 16.04
N PHE B 9 42.26 -0.51 15.10
CA PHE B 9 41.81 -1.80 14.58
C PHE B 9 42.63 -2.12 13.35
N PRO B 10 42.73 -3.38 13.03
CA PRO B 10 43.48 -3.87 11.87
C PRO B 10 42.65 -3.80 10.57
N PHE B 11 42.20 -2.64 10.22
CA PHE B 11 41.40 -2.50 9.02
C PHE B 11 42.31 -2.16 7.86
N GLN B 12 41.92 -2.58 6.66
CA GLN B 12 42.70 -2.19 5.50
C GLN B 12 42.68 -0.67 5.37
N PRO B 13 43.70 -0.15 4.71
CA PRO B 13 43.81 1.26 4.56
C PRO B 13 42.61 1.95 3.93
N PHE B 14 41.90 1.32 2.98
CA PHE B 14 40.74 2.00 2.39
C PHE B 14 39.61 2.27 3.39
N ILE B 15 39.49 1.34 4.36
CA ILE B 15 38.47 1.50 5.40
C ILE B 15 38.88 2.66 6.29
N ILE B 16 40.19 2.70 6.55
CA ILE B 16 40.71 3.78 7.36
C ILE B 16 40.40 5.10 6.70
N GLU B 17 40.61 5.15 5.41
CA GLU B 17 40.31 6.38 4.71
C GLU B 17 38.80 6.76 4.76
N ALA B 18 37.98 5.74 4.64
CA ALA B 18 36.55 5.95 4.70
C ALA B 18 36.16 6.49 6.07
N ILE B 19 36.74 5.91 7.12
CA ILE B 19 36.50 6.32 8.49
C ILE B 19 36.87 7.80 8.71
N LYS B 20 38.01 8.22 8.19
CA LYS B 20 38.40 9.62 8.30
C LYS B 20 37.38 10.51 7.59
N THR B 21 36.90 10.04 6.43
CA THR B 21 35.94 10.85 5.70
C THR B 21 34.60 10.94 6.44
N LEU B 22 34.35 9.94 7.25
CA LEU B 22 33.15 9.93 8.04
C LEU B 22 33.30 10.83 9.23
N ARG B 23 34.52 11.35 9.40
CA ARG B 23 34.90 12.22 10.52
C ARG B 23 34.87 11.48 11.85
N PHE B 24 35.16 10.18 11.85
CA PHE B 24 35.19 9.38 13.06
C PHE B 24 36.60 9.36 13.65
N TYR B 25 36.81 10.13 14.72
CA TYR B 25 38.13 10.17 15.35
C TYR B 25 38.42 9.05 16.35
N LYS B 26 37.51 8.79 17.28
CA LYS B 26 37.73 7.70 18.26
C LYS B 26 36.47 6.91 18.36
N PRO B 27 36.63 5.60 18.36
CA PRO B 27 35.52 4.66 18.44
C PRO B 27 34.57 4.87 19.62
N THR B 28 33.28 4.72 19.41
CA THR B 28 32.39 4.82 20.53
C THR B 28 32.43 3.51 21.35
N GLU B 29 31.71 3.52 22.46
CA GLU B 29 31.73 2.34 23.28
C GLU B 29 31.31 1.10 22.54
N ILE B 30 30.15 1.17 21.93
CA ILE B 30 29.70 -0.04 21.24
C ILE B 30 30.72 -0.56 20.26
N GLN B 31 31.39 0.39 19.58
CA GLN B 31 32.42 0.00 18.59
C GLN B 31 33.66 -0.67 19.21
N GLU B 32 34.15 -0.15 20.33
CA GLU B 32 35.32 -0.72 21.02
C GLU B 32 35.04 -2.16 21.39
N ARG B 33 33.82 -2.34 21.92
CA ARG B 33 33.40 -3.65 22.38
C ARG B 33 33.05 -4.61 21.28
N ILE B 34 32.49 -4.11 20.20
CA ILE B 34 32.10 -5.06 19.19
C ILE B 34 33.14 -5.35 18.15
N ILE B 35 33.82 -4.29 17.74
CA ILE B 35 34.79 -4.47 16.66
C ILE B 35 35.72 -5.71 16.63
N PRO B 36 36.61 -5.74 17.61
CA PRO B 36 37.60 -6.79 17.72
C PRO B 36 37.02 -8.17 17.62
N GLY B 37 36.02 -8.41 18.47
CA GLY B 37 35.35 -9.69 18.44
C GLY B 37 34.75 -9.93 17.06
N ALA B 38 34.17 -8.89 16.45
CA ALA B 38 33.60 -9.13 15.13
C ALA B 38 34.67 -9.54 14.14
N LEU B 39 35.83 -8.86 14.27
CA LEU B 39 36.94 -9.15 13.38
C LEU B 39 37.33 -10.61 13.53
N ARG B 40 37.29 -11.10 14.77
CA ARG B 40 37.65 -12.52 14.90
C ARG B 40 36.58 -13.52 14.54
N GLY B 41 35.43 -13.07 14.08
CA GLY B 41 34.40 -14.00 13.65
C GLY B 41 33.44 -14.43 14.75
N GLU B 42 33.43 -13.70 15.85
CA GLU B 42 32.57 -14.10 16.95
C GLU B 42 31.12 -13.79 16.73
N SER B 43 30.23 -14.70 17.13
CA SER B 43 28.81 -14.40 17.09
C SER B 43 28.56 -13.51 18.30
N VAL B 45 25.92 -10.48 20.57
CA VAL B 45 24.70 -9.78 21.00
C VAL B 45 25.12 -8.49 21.69
N GLY B 46 24.79 -7.38 21.04
CA GLY B 46 25.12 -6.06 21.53
C GLY B 46 23.87 -5.31 21.97
N GLN B 47 23.81 -5.13 23.27
CA GLN B 47 22.67 -4.45 23.84
C GLN B 47 22.98 -2.98 23.98
N SER B 48 22.27 -2.17 23.22
CA SER B 48 22.46 -0.73 23.26
C SER B 48 21.44 0.00 22.42
N GLN B 49 21.37 1.31 22.64
CA GLN B 49 20.47 2.20 21.93
C GLN B 49 20.91 2.31 20.47
N THR B 50 19.93 2.41 19.56
CA THR B 50 20.14 2.52 18.12
C THR B 50 20.98 3.72 17.74
N GLY B 51 21.64 3.66 16.57
CA GLY B 51 22.43 4.81 16.17
C GLY B 51 23.52 4.45 15.22
N THR B 52 23.93 5.42 14.44
CA THR B 52 24.96 5.20 13.45
C THR B 52 26.23 4.60 14.05
N GLY B 53 26.42 4.95 15.31
CA GLY B 53 27.56 4.47 16.02
C GLY B 53 27.49 2.96 16.05
N LYS B 54 26.32 2.47 16.44
CA LYS B 54 26.18 1.04 16.48
C LYS B 54 26.21 0.47 15.05
N THR B 55 25.65 1.21 14.09
CA THR B 55 25.70 0.75 12.71
C THR B 55 27.11 0.38 12.26
N HIS B 56 28.02 1.27 12.56
CA HIS B 56 29.41 1.06 12.15
C HIS B 56 30.16 0.00 12.93
N ALA B 57 29.62 -0.26 14.09
CA ALA B 57 30.18 -1.31 14.92
C ALA B 57 30.09 -2.59 14.13
N TYR B 58 29.05 -2.75 13.29
CA TYR B 58 29.03 -3.96 12.52
C TYR B 58 29.48 -3.76 11.07
N LEU B 59 29.17 -2.58 10.48
CA LEU B 59 29.54 -2.38 9.07
C LEU B 59 31.05 -2.42 8.80
N LEU B 60 31.83 -1.81 9.70
CA LEU B 60 33.28 -1.76 9.51
C LEU B 60 33.95 -3.12 9.48
N PRO B 61 33.70 -3.90 10.48
CA PRO B 61 34.27 -5.21 10.48
C PRO B 61 33.78 -5.97 9.27
N ILE B 62 32.52 -5.77 8.92
CA ILE B 62 32.00 -6.50 7.77
C ILE B 62 32.73 -6.11 6.47
N GLU B 64 35.61 -5.07 6.23
CA GLU B 64 36.97 -5.57 6.34
C GLU B 64 37.08 -6.99 5.86
N LYS B 65 36.06 -7.74 6.16
CA LYS B 65 36.07 -9.13 5.82
C LYS B 65 35.63 -9.47 4.43
N ILE B 66 35.07 -8.55 3.66
CA ILE B 66 34.62 -8.95 2.35
C ILE B 66 35.78 -9.31 1.43
N LYS B 67 35.55 -10.28 0.58
CA LYS B 67 36.53 -10.69 -0.41
C LYS B 67 35.93 -10.26 -1.71
N PRO B 68 36.36 -9.10 -2.16
CA PRO B 68 35.76 -8.50 -3.34
C PRO B 68 35.72 -9.32 -4.61
N GLU B 69 36.76 -10.12 -4.80
CA GLU B 69 36.89 -10.90 -6.02
C GLU B 69 35.91 -12.04 -6.05
N ARG B 70 35.43 -12.44 -4.87
CA ARG B 70 34.46 -13.53 -4.80
C ARG B 70 33.11 -12.94 -5.09
N ALA B 71 32.60 -13.33 -6.24
CA ALA B 71 31.33 -12.85 -6.73
C ALA B 71 30.13 -13.55 -6.11
N GLU B 72 29.87 -13.28 -4.82
CA GLU B 72 28.76 -13.86 -4.10
C GLU B 72 28.40 -13.05 -2.85
N VAL B 73 27.22 -13.32 -2.32
CA VAL B 73 26.75 -12.63 -1.13
C VAL B 73 27.57 -13.12 -0.01
N GLN B 74 28.13 -12.21 0.76
CA GLN B 74 29.01 -12.56 1.87
C GLN B 74 28.49 -12.09 3.23
N ALA B 75 27.58 -11.11 3.20
CA ALA B 75 26.99 -10.60 4.44
C ALA B 75 25.58 -10.17 4.17
N VAL B 76 24.70 -10.49 5.12
CA VAL B 76 23.29 -10.16 5.00
C VAL B 76 22.89 -9.30 6.19
N ILE B 77 22.30 -8.12 5.98
CA ILE B 77 21.94 -7.29 7.11
C ILE B 77 20.44 -7.07 7.09
N THR B 78 19.77 -7.48 8.16
CA THR B 78 18.34 -7.28 8.21
C THR B 78 17.96 -6.23 9.22
N ALA B 79 16.88 -5.54 8.88
CA ALA B 79 16.34 -4.51 9.72
C ALA B 79 14.83 -4.57 9.64
N PRO B 80 14.19 -4.12 10.72
CA PRO B 80 12.74 -4.17 10.85
C PRO B 80 11.91 -3.27 9.94
N THR B 81 12.44 -2.12 9.52
CA THR B 81 11.67 -1.22 8.66
C THR B 81 12.46 -0.76 7.42
N ARG B 82 11.73 -0.25 6.44
CA ARG B 82 12.37 0.22 5.23
C ARG B 82 13.31 1.38 5.51
N GLU B 83 12.90 2.23 6.41
CA GLU B 83 13.64 3.37 6.74
C GLU B 83 14.94 3.02 7.41
N LEU B 84 14.84 2.06 8.28
CA LEU B 84 16.06 1.68 8.98
C LEU B 84 17.06 1.05 8.06
N ALA B 85 16.54 0.23 7.18
CA ALA B 85 17.41 -0.46 6.23
C ALA B 85 18.12 0.57 5.37
N THR B 86 17.30 1.51 4.95
CA THR B 86 17.80 2.57 4.09
C THR B 86 18.98 3.32 4.72
N GLN B 87 18.86 3.63 6.00
CA GLN B 87 19.93 4.35 6.66
C GLN B 87 21.20 3.53 6.69
N ILE B 88 21.04 2.23 6.88
CA ILE B 88 22.20 1.35 6.93
C ILE B 88 22.89 1.33 5.59
N TYR B 89 22.07 1.25 4.56
CA TYR B 89 22.57 1.27 3.21
C TYR B 89 23.39 2.54 2.93
N HIS B 90 22.87 3.68 3.37
CA HIS B 90 23.55 4.94 3.15
C HIS B 90 24.94 4.90 3.79
N GLU B 91 25.00 4.38 5.02
CA GLU B 91 26.32 4.32 5.65
C GLU B 91 27.29 3.42 4.85
N THR B 92 26.79 2.30 4.24
CA THR B 92 27.65 1.41 3.45
C THR B 92 28.28 2.14 2.26
N LEU B 93 27.42 2.88 1.60
CA LEU B 93 27.85 3.61 0.45
C LEU B 93 28.99 4.51 0.74
N LYS B 94 28.99 5.05 1.95
CA LYS B 94 30.02 5.97 2.34
C LYS B 94 31.34 5.28 2.54
N ILE B 95 31.22 3.97 2.68
CA ILE B 95 32.40 3.17 2.85
C ILE B 95 32.89 2.55 1.55
N THR B 96 31.95 1.95 0.80
CA THR B 96 32.30 1.27 -0.45
C THR B 96 32.88 2.19 -1.49
N LYS B 97 32.54 3.45 -1.41
CA LYS B 97 33.12 4.32 -2.41
C LYS B 97 34.63 4.43 -2.30
N PHE B 98 35.22 4.01 -1.17
CA PHE B 98 36.67 4.09 -1.01
C PHE B 98 37.41 2.88 -1.51
N CYS B 99 36.68 1.84 -1.89
CA CYS B 99 37.34 0.63 -2.41
C CYS B 99 38.06 0.95 -3.70
N PRO B 100 39.09 0.20 -3.98
CA PRO B 100 39.80 0.31 -5.22
C PRO B 100 38.78 -0.15 -6.26
N LYS B 101 38.74 0.58 -7.40
CA LYS B 101 37.82 0.41 -8.54
C LYS B 101 37.65 -1.00 -9.08
N ASP B 102 38.71 -1.79 -9.14
CA ASP B 102 38.55 -3.14 -9.64
C ASP B 102 38.32 -4.13 -8.53
N ARG B 103 38.21 -3.58 -7.33
CA ARG B 103 37.95 -4.37 -6.13
C ARG B 103 36.78 -3.83 -5.35
N ILE B 105 33.27 -3.23 -3.62
CA ILE B 105 32.34 -3.97 -2.80
C ILE B 105 30.98 -3.56 -3.22
N VAL B 106 30.10 -4.46 -3.58
CA VAL B 106 28.79 -4.03 -3.99
C VAL B 106 27.72 -4.29 -2.95
N ALA B 107 26.89 -3.29 -2.64
CA ALA B 107 25.82 -3.46 -1.66
C ALA B 107 24.48 -3.16 -2.32
N ARG B 108 23.45 -3.87 -1.93
CA ARG B 108 22.12 -3.62 -2.47
C ARG B 108 21.13 -3.55 -1.33
N CYS B 109 20.18 -2.62 -1.47
CA CYS B 109 19.16 -2.46 -0.44
C CYS B 109 17.79 -2.98 -0.92
N LEU B 110 17.26 -4.02 -0.26
CA LEU B 110 15.99 -4.63 -0.68
C LEU B 110 14.89 -4.36 0.32
N ILE B 111 13.98 -3.43 -0.02
CA ILE B 111 12.92 -3.10 0.89
C ILE B 111 11.55 -3.04 0.25
N GLY B 112 11.45 -3.27 -1.07
CA GLY B 112 10.16 -3.28 -1.74
C GLY B 112 9.38 -1.99 -1.62
N GLY B 113 8.05 -2.06 -1.40
CA GLY B 113 7.21 -0.85 -1.34
C GLY B 113 6.02 -1.09 -2.28
N THR B 114 5.65 -0.18 -3.15
CA THR B 114 4.57 -0.55 -4.04
C THR B 114 5.02 -1.61 -5.06
N ASP B 115 4.04 -2.21 -5.72
CA ASP B 115 4.35 -3.21 -6.70
C ASP B 115 5.25 -2.67 -7.75
N LYS B 116 5.03 -1.42 -8.13
CA LYS B 116 5.92 -0.89 -9.16
C LYS B 116 7.33 -0.81 -8.56
N GLN B 117 7.34 -0.40 -7.33
CA GLN B 117 8.59 -0.33 -6.64
C GLN B 117 9.27 -1.67 -6.65
N LYS B 118 8.48 -2.67 -6.26
CA LYS B 118 8.98 -4.02 -6.18
C LYS B 118 9.58 -4.50 -7.48
N ALA B 119 8.88 -4.27 -8.57
CA ALA B 119 9.40 -4.67 -9.87
C ALA B 119 10.75 -4.06 -10.19
N LEU B 120 10.96 -2.78 -9.81
CA LEU B 120 12.21 -2.11 -10.10
C LEU B 120 13.41 -2.63 -9.35
N GLU B 121 13.22 -3.49 -8.35
CA GLU B 121 14.32 -4.07 -7.58
C GLU B 121 14.74 -5.30 -8.32
N LYS B 122 15.83 -5.25 -9.02
CA LYS B 122 16.22 -6.44 -9.75
C LYS B 122 17.67 -6.52 -9.57
N LEU B 123 18.13 -7.67 -9.13
CA LEU B 123 19.54 -7.89 -8.86
C LEU B 123 20.45 -7.83 -10.08
N ASN B 124 20.89 -6.61 -10.44
CA ASN B 124 21.75 -6.47 -11.57
C ASN B 124 22.76 -7.62 -11.48
N VAL B 125 23.39 -7.70 -10.32
CA VAL B 125 24.38 -8.71 -10.02
C VAL B 125 24.27 -9.17 -8.59
N GLN B 126 24.82 -10.35 -8.29
CA GLN B 126 24.84 -10.84 -6.94
C GLN B 126 25.70 -9.82 -6.15
N PRO B 127 25.17 -9.26 -5.09
CA PRO B 127 25.94 -8.27 -4.37
C PRO B 127 26.73 -8.88 -3.26
N HIS B 128 27.82 -8.25 -2.86
CA HIS B 128 28.60 -8.76 -1.74
C HIS B 128 27.86 -8.58 -0.42
N ILE B 129 27.08 -7.50 -0.36
CA ILE B 129 26.30 -7.20 0.82
C ILE B 129 24.87 -6.88 0.49
N VAL B 130 24.00 -7.56 1.22
CA VAL B 130 22.57 -7.38 1.09
C VAL B 130 21.98 -6.82 2.38
N ILE B 131 21.28 -5.69 2.24
CA ILE B 131 20.62 -5.05 3.35
C ILE B 131 19.14 -4.98 3.05
N GLY B 132 18.31 -5.10 4.06
CA GLY B 132 16.91 -5.00 3.73
C GLY B 132 16.06 -5.49 4.85
N THR B 133 14.77 -5.59 4.52
CA THR B 133 13.86 -6.12 5.52
C THR B 133 13.88 -7.62 5.29
N PRO B 134 13.69 -8.39 6.34
CA PRO B 134 13.71 -9.85 6.21
C PRO B 134 12.71 -10.38 5.20
N GLY B 135 11.52 -9.81 5.23
CA GLY B 135 10.48 -10.23 4.29
C GLY B 135 10.92 -10.06 2.84
N ARG B 136 11.44 -8.86 2.52
CA ARG B 136 11.88 -8.63 1.16
C ARG B 136 13.04 -9.55 0.75
N ILE B 137 13.92 -9.72 1.70
CA ILE B 137 15.08 -10.55 1.46
C ILE B 137 14.66 -11.96 1.10
N ASN B 138 13.69 -12.45 1.85
CA ASN B 138 13.08 -13.77 1.67
C ASN B 138 12.47 -13.89 0.28
N ASP B 139 11.83 -12.82 -0.16
CA ASP B 139 11.25 -12.86 -1.48
C ASP B 139 12.31 -13.22 -2.51
N PHE B 140 13.47 -12.56 -2.40
CA PHE B 140 14.58 -12.77 -3.32
C PHE B 140 15.15 -14.17 -3.24
N ILE B 141 15.24 -14.66 -2.04
CA ILE B 141 15.79 -15.97 -1.91
C ILE B 141 14.82 -16.92 -2.59
N ARG B 142 13.55 -16.70 -2.28
CA ARG B 142 12.47 -17.51 -2.81
C ARG B 142 12.47 -17.61 -4.31
N GLU B 143 12.81 -16.55 -4.98
CA GLU B 143 12.78 -16.60 -6.41
C GLU B 143 14.13 -16.94 -6.98
N GLN B 144 14.99 -17.51 -6.16
CA GLN B 144 16.29 -17.88 -6.68
C GLN B 144 16.96 -16.69 -7.24
N ALA B 145 16.57 -15.53 -6.73
CA ALA B 145 17.22 -14.32 -7.20
C ALA B 145 18.46 -14.00 -6.34
N LEU B 146 18.45 -14.55 -5.15
CA LEU B 146 19.51 -14.36 -4.20
C LEU B 146 19.96 -15.65 -3.54
N ASP B 147 21.26 -15.94 -3.64
CA ASP B 147 21.82 -17.11 -3.02
C ASP B 147 22.58 -16.74 -1.75
N VAL B 148 21.97 -17.01 -0.63
CA VAL B 148 22.61 -16.66 0.60
C VAL B 148 23.47 -17.76 1.13
N HIS B 149 23.46 -18.88 0.44
CA HIS B 149 24.27 -19.94 0.97
C HIS B 149 25.72 -19.56 1.25
N THR B 150 26.32 -18.71 0.41
CA THR B 150 27.71 -18.32 0.59
C THR B 150 27.92 -17.31 1.65
N ALA B 151 26.83 -16.69 2.12
CA ALA B 151 26.95 -15.68 3.15
C ALA B 151 27.32 -16.26 4.50
N HIS B 152 28.34 -15.71 5.17
CA HIS B 152 28.78 -16.17 6.48
C HIS B 152 28.58 -15.19 7.64
N ILE B 153 27.91 -14.07 7.37
CA ILE B 153 27.62 -13.05 8.34
C ILE B 153 26.18 -12.62 8.21
N LEU B 154 25.49 -12.56 9.34
CA LEU B 154 24.10 -12.15 9.34
C LEU B 154 23.93 -11.16 10.47
N VAL B 155 23.45 -9.99 10.14
CA VAL B 155 23.19 -9.01 11.16
C VAL B 155 21.68 -8.91 11.37
N VAL B 156 21.31 -8.88 12.64
CA VAL B 156 19.94 -8.76 13.00
C VAL B 156 19.89 -7.48 13.82
N ASP B 157 19.55 -6.35 13.16
CA ASP B 157 19.51 -5.05 13.80
C ASP B 157 18.13 -4.77 14.41
N GLU B 158 18.08 -4.12 15.59
CA GLU B 158 16.78 -3.85 16.25
C GLU B 158 15.92 -5.09 16.41
N ALA B 159 16.52 -6.13 16.94
CA ALA B 159 15.86 -7.39 17.14
C ALA B 159 14.61 -7.31 18.00
N ASP B 160 14.62 -6.45 19.00
CA ASP B 160 13.40 -6.43 19.78
C ASP B 160 12.26 -5.93 18.92
N LEU B 161 12.56 -4.89 18.19
CA LEU B 161 11.53 -4.37 17.34
C LEU B 161 11.18 -5.39 16.28
N LEU B 163 11.25 -8.53 16.53
CA LEU B 163 10.41 -9.56 17.17
C LEU B 163 8.96 -9.03 17.29
N ASP B 164 8.83 -7.83 17.84
CA ASP B 164 7.53 -7.23 18.04
C ASP B 164 6.70 -7.21 16.77
N GLY B 166 6.75 -9.13 14.40
CA GLY B 166 6.53 -10.46 13.84
C GLY B 166 7.44 -10.89 12.69
N PHE B 167 8.71 -10.51 12.73
CA PHE B 167 9.57 -10.87 11.65
C PHE B 167 10.68 -11.81 12.06
N ILE B 168 10.63 -12.37 13.25
CA ILE B 168 11.69 -13.28 13.65
C ILE B 168 11.64 -14.54 12.83
N THR B 169 10.44 -14.91 12.41
CA THR B 169 10.38 -16.10 11.59
C THR B 169 10.99 -15.84 10.25
N ASP B 170 10.85 -14.61 9.78
CA ASP B 170 11.42 -14.25 8.49
C ASP B 170 12.94 -14.40 8.52
N VAL B 171 13.51 -13.91 9.62
CA VAL B 171 14.94 -13.91 9.89
C VAL B 171 15.41 -15.34 10.04
N ASP B 172 14.59 -16.06 10.78
CA ASP B 172 14.94 -17.43 11.01
C ASP B 172 15.12 -18.14 9.66
N GLN B 173 14.17 -17.94 8.79
CA GLN B 173 14.25 -18.57 7.51
C GLN B 173 15.55 -18.22 6.78
N ILE B 174 15.94 -16.97 6.89
CA ILE B 174 17.13 -16.58 6.24
C ILE B 174 18.31 -17.31 6.84
N ALA B 175 18.42 -17.17 8.16
CA ALA B 175 19.52 -17.74 8.93
C ALA B 175 19.76 -19.20 8.61
N ALA B 176 18.62 -19.86 8.40
CA ALA B 176 18.56 -21.27 8.11
C ALA B 176 19.33 -21.56 6.85
N ARG B 177 19.13 -20.72 5.86
CA ARG B 177 19.81 -20.95 4.59
C ARG B 177 21.29 -20.62 4.59
N PRO B 179 25.33 -21.17 6.24
CA PRO B 179 26.14 -22.17 6.90
C PRO B 179 25.91 -22.32 8.40
N LYS B 180 26.14 -23.52 8.86
CA LYS B 180 25.99 -23.80 10.27
C LYS B 180 27.03 -23.04 11.06
N ASP B 181 28.09 -22.64 10.39
CA ASP B 181 29.09 -21.88 11.10
C ASP B 181 28.90 -20.38 10.90
N LEU B 182 27.64 -20.06 10.57
CA LEU B 182 27.16 -18.70 10.37
C LEU B 182 27.58 -17.75 11.50
N GLN B 183 28.14 -16.59 11.17
CA GLN B 183 28.49 -15.66 12.21
C GLN B 183 27.29 -14.69 12.35
N LEU B 185 25.31 -11.52 14.24
CA LEU B 185 25.47 -10.33 15.06
C LEU B 185 24.08 -9.79 15.27
N VAL B 186 23.70 -9.67 16.53
CA VAL B 186 22.40 -9.20 16.91
C VAL B 186 22.50 -7.97 17.75
N PHE B 187 21.77 -6.92 17.36
CA PHE B 187 21.76 -5.67 18.09
C PHE B 187 20.33 -5.35 18.52
N SER B 188 20.23 -4.92 19.78
CA SER B 188 18.94 -4.60 20.38
C SER B 188 19.12 -3.77 21.63
N ALA B 189 18.11 -2.95 21.90
CA ALA B 189 18.19 -2.14 23.09
C ALA B 189 17.86 -2.99 24.29
N THR B 190 16.91 -3.88 24.08
CA THR B 190 16.40 -4.79 25.09
C THR B 190 16.49 -6.23 24.59
N ILE B 191 16.66 -7.15 25.53
CA ILE B 191 16.72 -8.56 25.24
C ILE B 191 15.52 -9.29 25.80
N PRO B 192 14.42 -9.17 25.08
CA PRO B 192 13.17 -9.78 25.47
C PRO B 192 13.25 -11.30 25.60
N GLU B 193 12.47 -11.77 26.55
CA GLU B 193 12.35 -13.19 26.86
C GLU B 193 12.14 -14.00 25.62
N LYS B 194 11.18 -13.55 24.83
CA LYS B 194 10.86 -14.27 23.62
C LYS B 194 11.98 -14.30 22.59
N LEU B 195 12.96 -13.44 22.77
CA LEU B 195 14.02 -13.46 21.79
C LEU B 195 15.07 -14.51 22.11
N LYS B 196 15.23 -14.78 23.40
CA LYS B 196 16.24 -15.72 23.87
C LYS B 196 16.40 -17.01 23.10
N PRO B 197 15.29 -17.64 22.79
CA PRO B 197 15.28 -18.90 22.08
C PRO B 197 15.90 -18.80 20.70
N PHE B 198 15.54 -17.74 19.98
CA PHE B 198 16.07 -17.55 18.66
C PHE B 198 17.57 -17.40 18.79
N LEU B 199 18.02 -16.59 19.77
CA LEU B 199 19.43 -16.36 20.01
C LEU B 199 20.17 -17.65 20.29
N LYS B 200 19.67 -18.38 21.27
CA LYS B 200 20.28 -19.63 21.68
C LYS B 200 20.39 -20.65 20.56
N LYS B 201 19.42 -20.60 19.65
CA LYS B 201 19.39 -21.54 18.59
C LYS B 201 20.51 -21.38 17.57
N TYR B 202 20.90 -20.13 17.39
CA TYR B 202 21.91 -19.87 16.42
C TYR B 202 23.31 -19.71 16.96
N GLU B 204 26.19 -20.70 19.73
CA GLU B 204 26.64 -21.59 20.77
C GLU B 204 27.30 -20.88 21.92
N ASN B 205 28.23 -20.04 21.58
CA ASN B 205 28.99 -19.33 22.59
C ASN B 205 29.17 -17.88 22.21
N PRO B 206 28.07 -17.18 22.31
CA PRO B 206 27.95 -15.78 21.94
C PRO B 206 28.66 -14.77 22.80
N THR B 207 29.20 -13.74 22.18
CA THR B 207 29.82 -12.72 22.96
C THR B 207 28.74 -11.73 23.29
N PHE B 208 28.70 -11.35 24.54
CA PHE B 208 27.68 -10.42 24.95
C PHE B 208 28.31 -9.09 25.30
N VAL B 209 27.64 -8.03 24.84
CA VAL B 209 28.11 -6.69 25.07
C VAL B 209 26.97 -5.81 25.48
N HIS B 210 27.24 -5.08 26.52
CA HIS B 210 26.25 -4.20 27.04
C HIS B 210 26.81 -2.82 27.24
N VAL B 211 26.02 -1.82 26.97
CA VAL B 211 26.50 -0.46 27.12
C VAL B 211 25.98 0.32 28.35
#